data_4WFL
#
_entry.id   4WFL
#
_cell.length_a   62.466
_cell.length_b   68.283
_cell.length_c   82.991
_cell.angle_alpha   90.00
_cell.angle_beta   90.00
_cell.angle_gamma   90.00
#
_symmetry.space_group_name_H-M   'P 21 21 21'
#
loop_
_entity.id
_entity.type
_entity.pdbx_description
1 polymer RNA
2 non-polymer 'MAGNESIUM ION'
3 non-polymer 'COBALT HEXAMMINE(III)'
4 water water
#
_entity_poly.entity_id   1
_entity_poly.type   'polyribonucleotide'
_entity_poly.pdbx_seq_one_letter_code
;(GTP)GCCGUGCUAAGCGGGGAGGUAGCGGUGCCCUGUACCUGCAAUCCGCUCUAGCAGGGCCGAAUCCCUUCUCGAGGU
UCGGUAACGAAUCGACAGAAGGUGCACGGU(CCC)
;
_entity_poly.pdbx_strand_id   A
#
loop_
_chem_comp.id
_chem_comp.type
_chem_comp.name
_chem_comp.formula
A RNA linking ADENOSINE-5'-MONOPHOSPHATE 'C10 H14 N5 O7 P'
C RNA linking CYTIDINE-5'-MONOPHOSPHATE 'C9 H14 N3 O8 P'
CCC RNA linking 'CYTIDINE-5'-PHOSPHATE-2',3'-CYCLIC PHOSPHATE' 'C9 H13 N3 O10 P2'
G RNA linking GUANOSINE-5'-MONOPHOSPHATE 'C10 H14 N5 O8 P'
GTP non-polymer GUANOSINE-5'-TRIPHOSPHATE 'C10 H16 N5 O14 P3'
MG non-polymer 'MAGNESIUM ION' 'Mg 2'
NCO non-polymer 'COBALT HEXAMMINE(III)' 'Co H18 N6 3'
U RNA linking URIDINE-5'-MONOPHOSPHATE 'C9 H13 N2 O9 P'
#
# COMPACT_ATOMS: atom_id res chain seq x y z
PG GTP A 1 13.70 1.70 -17.81
O1G GTP A 1 13.87 3.17 -17.49
O2G GTP A 1 13.59 1.52 -19.31
O3G GTP A 1 14.90 0.93 -17.30
O3B GTP A 1 12.36 1.15 -17.12
PB GTP A 1 12.14 1.24 -15.53
O1B GTP A 1 13.42 0.88 -14.81
O2B GTP A 1 11.01 0.32 -15.11
O3A GTP A 1 11.77 2.77 -15.24
PA GTP A 1 10.68 3.60 -16.10
O1A GTP A 1 11.29 4.93 -16.51
O2A GTP A 1 10.20 2.81 -17.29
O5' GTP A 1 9.47 3.85 -15.07
C5' GTP A 1 8.36 2.99 -14.96
C4' GTP A 1 7.44 3.51 -13.87
O4' GTP A 1 8.21 3.61 -12.68
C3' GTP A 1 6.89 4.90 -14.13
O3' GTP A 1 5.62 4.95 -13.53
C2' GTP A 1 7.79 5.82 -13.34
O2' GTP A 1 7.07 6.93 -12.87
C1' GTP A 1 8.27 4.93 -12.21
N9 GTP A 1 9.67 5.25 -11.89
C8 GTP A 1 10.77 4.65 -12.42
N7 GTP A 1 11.87 5.21 -11.87
C5 GTP A 1 11.48 6.15 -10.99
C6 GTP A 1 12.18 7.01 -10.15
O6 GTP A 1 13.41 6.99 -10.15
N1 GTP A 1 11.50 7.89 -9.34
C2 GTP A 1 10.12 7.90 -9.35
N2 GTP A 1 9.45 8.75 -8.56
N3 GTP A 1 9.42 7.04 -10.18
C4 GTP A 1 10.09 6.18 -10.97
PC CCC A 107 10.27 -0.73 -33.80
O1C CCC A 107 10.02 -0.98 -35.23
O2C CCC A 107 10.52 -2.08 -32.97
P CCC A 107 6.99 4.94 -31.41
OP1 CCC A 107 7.87 5.87 -30.68
OP2 CCC A 107 6.75 5.40 -32.93
O5' CCC A 107 7.59 3.45 -31.37
C5' CCC A 107 8.80 3.58 -32.08
C4' CCC A 107 8.91 2.47 -33.12
O4' CCC A 107 9.77 2.84 -34.21
C3' CCC A 107 9.58 1.23 -32.49
O3' CCC A 107 9.02 0.09 -33.15
C2' CCC A 107 11.07 1.42 -32.83
O2' CCC A 107 11.53 0.29 -33.60
C1' CCC A 107 11.13 2.66 -33.75
N1 CCC A 107 11.64 3.95 -33.26
C2 CCC A 107 11.97 4.32 -31.97
O2 CCC A 107 11.89 3.56 -31.03
N3 CCC A 107 12.40 5.55 -31.70
C4 CCC A 107 12.53 6.47 -32.65
N4 CCC A 107 12.98 7.74 -32.37
C5 CCC A 107 12.19 6.13 -33.96
C6 CCC A 107 11.76 4.89 -34.24
MG MG B . 13.75 4.09 -15.75
CO NCO C . -8.45 -1.61 9.50
N1 NCO C . -8.34 -0.85 7.67
N2 NCO C . -8.55 -2.36 11.32
N3 NCO C . -9.43 0.00 10.11
N4 NCO C . -6.74 -0.74 9.96
N5 NCO C . -7.47 -3.21 8.88
N6 NCO C . -10.17 -2.47 9.03
CO NCO D . -3.53 -3.87 26.51
N1 NCO D . -2.84 -3.04 24.85
N2 NCO D . -4.20 -4.70 28.18
N3 NCO D . -4.81 -2.37 26.74
N4 NCO D . -2.19 -2.86 27.56
N5 NCO D . -2.25 -5.36 26.29
N6 NCO D . -4.88 -4.87 25.46
MG MG E . -16.57 8.28 30.66
CO NCO F . -9.57 -9.56 20.68
N1 NCO F . -10.72 -8.15 19.91
N2 NCO F . -8.43 -10.97 21.47
N3 NCO F . -9.91 -8.84 22.49
N4 NCO F . -7.99 -8.39 20.51
N5 NCO F . -9.23 -10.29 18.88
N6 NCO F . -11.15 -10.73 20.85
CO NCO G . -1.40 -18.16 7.05
N1 NCO G . -1.15 -16.21 6.79
N2 NCO G . -1.65 -20.10 7.31
N3 NCO G . -1.14 -17.92 8.99
N4 NCO G . 0.55 -18.44 6.83
N5 NCO G . -1.66 -18.38 5.09
N6 NCO G . -3.35 -17.87 7.27
CO NCO H . 1.02 -6.54 15.95
N1 NCO H . 1.86 -5.85 14.28
N2 NCO H . 0.18 -7.22 17.60
N3 NCO H . 1.58 -4.90 16.91
N4 NCO H . 2.74 -7.39 16.45
N5 NCO H . 0.47 -8.18 14.99
N6 NCO H . -0.68 -5.68 15.45
CO NCO I . -16.64 6.52 43.20
N1 NCO I . -17.37 7.81 41.89
N2 NCO I . -15.91 5.22 44.50
N3 NCO I . -17.15 7.72 44.67
N4 NCO I . -14.87 7.40 43.09
N5 NCO I . -16.12 5.32 41.71
N6 NCO I . -18.41 5.64 43.29
CO NCO J . 7.97 -0.22 -19.81
N1 NCO J . 7.17 -0.70 -21.55
N2 NCO J . 8.77 0.28 -18.07
N3 NCO J . 6.19 0.31 -19.12
N4 NCO J . 8.27 1.63 -20.44
N5 NCO J . 9.74 -0.74 -20.50
N6 NCO J . 7.66 -2.07 -19.18
MG MG K . -3.28 -2.47 -12.88
CO NCO L . -12.00 7.61 2.64
N1 NCO L . -12.75 9.36 2.09
N2 NCO L . -11.25 5.86 3.18
N3 NCO L . -13.37 7.48 4.07
N4 NCO L . -10.77 8.53 3.89
N5 NCO L . -10.63 7.74 1.21
N6 NCO L . -13.24 6.71 1.39
CO NCO M . 13.13 0.74 -10.82
N1 NCO M . 11.76 0.98 -12.22
N2 NCO M . 14.50 0.50 -9.41
N3 NCO M . 11.92 -0.51 -9.85
N4 NCO M . 12.36 2.26 -9.80
N5 NCO M . 14.33 1.99 -11.77
N6 NCO M . 13.90 -0.77 -11.82
CO NCO N . -10.81 14.25 22.97
N1 NCO N . -9.69 15.66 22.16
N2 NCO N . -11.94 12.84 23.79
N3 NCO N . -12.13 15.62 23.54
N4 NCO N . -9.83 14.47 24.68
N5 NCO N . -9.49 12.89 22.41
N6 NCO N . -11.79 14.03 21.27
CO NCO O . -22.31 5.24 14.49
N1 NCO O . -22.53 7.16 14.90
N2 NCO O . -22.09 3.32 14.08
N3 NCO O . -23.84 4.81 15.67
N4 NCO O . -21.08 5.06 16.03
N5 NCO O . -20.78 5.67 13.31
N6 NCO O . -23.54 5.42 12.95
CO NCO P . -4.50 8.99 -2.40
N1 NCO P . -4.36 10.94 -2.70
N2 NCO P . -4.65 7.03 -2.10
N3 NCO P . -4.63 9.29 -0.46
N4 NCO P . -2.54 8.87 -2.28
N5 NCO P . -4.39 8.67 -4.36
N6 NCO P . -6.48 9.10 -2.53
CO NCO Q . -8.04 -17.02 14.93
N1 NCO Q . -8.55 -15.33 14.04
N2 NCO Q . -7.52 -18.71 15.83
N3 NCO Q . -8.45 -16.21 16.69
N4 NCO Q . -6.18 -16.38 15.07
N5 NCO Q . -7.63 -17.83 13.17
N6 NCO Q . -9.91 -17.66 14.78
CO NCO R . -1.63 -3.09 32.88
N1 NCO R . -1.93 -1.71 31.50
N2 NCO R . -1.32 -4.47 34.27
N3 NCO R . -2.15 -1.80 34.28
N4 NCO R . 0.25 -2.51 33.06
N5 NCO R . -1.11 -4.39 31.48
N6 NCO R . -3.51 -3.68 32.72
CO NCO S . -4.53 -15.09 -7.63
N1 NCO S . -4.07 -13.18 -7.96
N2 NCO S . -4.98 -16.98 -7.32
N3 NCO S . -6.08 -14.52 -6.54
N4 NCO S . -3.39 -15.11 -6.01
N5 NCO S . -2.98 -15.65 -8.73
N6 NCO S . -5.67 -15.06 -9.26
#